data_3T9B
#
_entry.id   3T9B
#
_cell.length_a   88.788
_cell.length_b   110.557
_cell.length_c   41.249
_cell.angle_alpha   90.00
_cell.angle_beta   90.00
_cell.angle_gamma   90.00
#
_symmetry.space_group_name_H-M   'P 21 21 21'
#
loop_
_entity.id
_entity.type
_entity.pdbx_description
1 polymer 'Inositol Pyrophosphate Kinase'
2 non-polymer 'PHOSPHOAMINOPHOSPHONIC ACID-ADENYLATE ESTER'
3 non-polymer 'MAGNESIUM ION'
4 water water
#
_entity_poly.entity_id   1
_entity_poly.type   'polypeptide(L)'
_entity_poly.pdbx_seq_one_letter_code
;GSFTERQIVVGICSMAKKSKSKPMKEILERISLFKYITVVVFEEEVILNEPVENWPLCDCLISFHSKGFPLDKAVAYAKL
RNPFVINDLNMQYLIQDRREVYSILQAEGILLPRYAILNRDPNNPKECNLIEGEDHVEVNGEVFQKPFVEKPVSAEDHNV
YIYYPTSAGGGSQRLFRKIGSRSSVYSPESNVRKTGSYIYEEFMPTDGTDVKVYTVGPDYAHAEARKSPALDGKVERDSE
GKEVRYPVILNAREKLIAWKVCLAFKQTVCGFDLLRANGQSYVCDVNGFSFVKNSMKYYDDCAKILGNIVMRELAPQFHI
PWSIPLEAED
;
_entity_poly.pdbx_strand_id   A
#
loop_
_chem_comp.id
_chem_comp.type
_chem_comp.name
_chem_comp.formula
ANP non-polymer 'PHOSPHOAMINOPHOSPHONIC ACID-ADENYLATE ESTER' 'C10 H17 N6 O12 P3'
MG non-polymer 'MAGNESIUM ION' 'Mg 2'
#
# COMPACT_ATOMS: atom_id res chain seq x y z
N GLN A 7 2.32 15.04 -29.58
CA GLN A 7 2.82 14.30 -28.38
C GLN A 7 1.71 13.68 -27.54
N ILE A 8 1.96 12.47 -27.05
CA ILE A 8 1.09 11.85 -26.04
C ILE A 8 1.43 12.47 -24.69
N VAL A 9 0.40 12.96 -23.99
CA VAL A 9 0.61 13.66 -22.73
C VAL A 9 0.30 12.72 -21.56
N VAL A 10 1.30 12.53 -20.70
CA VAL A 10 1.12 11.76 -19.47
C VAL A 10 1.01 12.78 -18.33
N GLY A 11 -0.15 12.80 -17.70
CA GLY A 11 -0.42 13.76 -16.62
C GLY A 11 -0.14 13.10 -15.29
N ILE A 12 0.48 13.82 -14.38
CA ILE A 12 0.78 13.27 -13.06
C ILE A 12 0.00 14.10 -12.07
N CYS A 13 -0.87 13.44 -11.32
CA CYS A 13 -1.82 14.13 -10.45
C CYS A 13 -1.75 13.55 -9.04
N SER A 14 -0.99 14.21 -8.17
CA SER A 14 -0.86 13.81 -6.77
C SER A 14 -0.37 15.00 -5.95
N MET A 15 -0.37 14.85 -4.63
CA MET A 15 0.10 15.91 -3.75
C MET A 15 1.57 16.23 -4.05
N ALA A 16 1.98 17.48 -3.81
CA ALA A 16 3.33 17.91 -4.15
C ALA A 16 4.42 17.07 -3.46
N LYS A 17 4.17 16.68 -2.20
CA LYS A 17 5.10 15.79 -1.47
C LYS A 17 5.43 14.53 -2.27
N LYS A 18 4.43 14.05 -3.02
CA LYS A 18 4.59 12.86 -3.85
C LYS A 18 5.14 13.21 -5.24
N SER A 19 4.57 14.23 -5.87
CA SER A 19 4.93 14.57 -7.25
C SER A 19 6.34 15.11 -7.40
N LYS A 20 6.87 15.65 -6.29
CA LYS A 20 8.22 16.21 -6.22
C LYS A 20 9.19 15.36 -5.40
N SER A 21 8.77 14.16 -4.99
CA SER A 21 9.66 13.22 -4.32
C SER A 21 10.79 12.80 -5.24
N LYS A 22 11.95 12.47 -4.68
CA LYS A 22 13.06 11.97 -5.48
C LYS A 22 12.68 10.78 -6.40
N PRO A 23 12.02 9.73 -5.85
CA PRO A 23 11.67 8.62 -6.76
C PRO A 23 10.75 9.04 -7.90
N MET A 24 9.75 9.89 -7.63
CA MET A 24 8.93 10.42 -8.71
C MET A 24 9.76 11.16 -9.77
N LYS A 25 10.64 12.06 -9.34
CA LYS A 25 11.46 12.82 -10.28
C LYS A 25 12.37 11.91 -11.10
N GLU A 26 12.94 10.90 -10.45
CA GLU A 26 13.79 9.93 -11.16
C GLU A 26 12.99 9.20 -12.25
N ILE A 27 11.78 8.78 -11.93
CA ILE A 27 10.96 8.06 -12.90
C ILE A 27 10.45 8.98 -14.04
N LEU A 28 10.00 10.18 -13.70
CA LEU A 28 9.46 11.11 -14.71
C LEU A 28 10.51 11.59 -15.71
N GLU A 29 11.72 11.89 -15.23
CA GLU A 29 12.80 12.26 -16.14
C GLU A 29 13.07 11.14 -17.17
N ARG A 30 12.88 9.90 -16.76
CA ARG A 30 13.10 8.75 -17.64
C ARG A 30 11.94 8.52 -18.61
N ILE A 31 10.70 8.67 -18.10
CA ILE A 31 9.53 8.59 -19.00
C ILE A 31 9.62 9.69 -20.08
N SER A 32 10.14 10.85 -19.69
CA SER A 32 10.31 11.97 -20.62
C SER A 32 11.25 11.67 -21.79
N LEU A 33 12.13 10.68 -21.62
CA LEU A 33 13.04 10.26 -22.68
C LEU A 33 12.33 9.57 -23.86
N PHE A 34 11.10 9.10 -23.63
CA PHE A 34 10.30 8.56 -24.72
C PHE A 34 10.02 9.68 -25.71
N LYS A 35 10.38 9.43 -26.98
CA LYS A 35 10.30 10.44 -28.05
C LYS A 35 8.92 11.10 -28.18
N TYR A 36 7.86 10.30 -28.06
CA TYR A 36 6.50 10.78 -28.29
C TYR A 36 5.71 11.06 -27.03
N ILE A 37 6.38 11.07 -25.88
CA ILE A 37 5.70 11.34 -24.61
C ILE A 37 6.16 12.65 -24.00
N THR A 38 5.20 13.47 -23.57
CA THR A 38 5.49 14.64 -22.74
C THR A 38 4.79 14.47 -21.39
N VAL A 39 5.53 14.74 -20.32
CA VAL A 39 5.01 14.61 -18.95
C VAL A 39 4.56 15.99 -18.48
N VAL A 40 3.37 16.05 -17.88
CA VAL A 40 2.84 17.29 -17.32
C VAL A 40 2.50 16.96 -15.87
N VAL A 41 3.13 17.66 -14.92
CA VAL A 41 2.87 17.40 -13.51
C VAL A 41 1.90 18.47 -13.01
N PHE A 42 0.72 18.06 -12.54
CA PHE A 42 -0.34 18.99 -12.13
C PHE A 42 0.11 19.66 -10.83
N GLU A 43 0.11 21.00 -10.80
CA GLU A 43 0.53 21.72 -9.59
C GLU A 43 -0.43 21.44 -8.43
N GLU A 44 0.08 21.35 -7.21
CA GLU A 44 -0.76 21.10 -6.05
C GLU A 44 -1.87 22.15 -5.87
N GLU A 45 -1.52 23.41 -6.05
CA GLU A 45 -2.50 24.50 -5.88
C GLU A 45 -3.66 24.35 -6.88
N VAL A 46 -3.36 23.89 -8.09
CA VAL A 46 -4.39 23.59 -9.09
C VAL A 46 -5.26 22.41 -8.64
N ILE A 47 -4.64 21.32 -8.21
CA ILE A 47 -5.38 20.16 -7.72
C ILE A 47 -6.38 20.53 -6.62
N LEU A 48 -5.90 21.32 -5.67
CA LEU A 48 -6.71 21.67 -4.49
C LEU A 48 -7.74 22.77 -4.77
N ASN A 49 -7.33 23.79 -5.50
CA ASN A 49 -8.09 25.06 -5.62
C ASN A 49 -8.84 25.30 -6.93
N GLU A 50 -8.39 24.67 -8.02
CA GLU A 50 -9.06 24.85 -9.32
C GLU A 50 -10.07 23.75 -9.56
N PRO A 51 -11.22 24.11 -10.17
CA PRO A 51 -12.18 23.08 -10.56
C PRO A 51 -11.55 22.18 -11.63
N VAL A 52 -11.99 20.94 -11.72
CA VAL A 52 -11.35 20.00 -12.65
C VAL A 52 -11.38 20.41 -14.13
N GLU A 53 -12.36 21.24 -14.50
N GLU A 53 -12.36 21.24 -14.49
CA GLU A 53 -12.47 21.73 -15.87
CA GLU A 53 -12.51 21.79 -15.85
C GLU A 53 -11.30 22.63 -16.28
C GLU A 53 -11.30 22.63 -16.27
N ASN A 54 -10.55 23.11 -15.27
CA ASN A 54 -9.35 23.92 -15.51
C ASN A 54 -8.03 23.15 -15.42
N TRP A 55 -8.10 21.89 -14.99
CA TRP A 55 -6.90 21.05 -14.89
C TRP A 55 -6.31 20.79 -16.29
N PRO A 56 -4.97 20.60 -16.38
CA PRO A 56 -4.34 20.31 -17.67
C PRO A 56 -4.95 19.08 -18.33
N LEU A 57 -5.01 19.08 -19.65
CA LEU A 57 -5.40 17.88 -20.38
C LEU A 57 -4.28 16.86 -20.32
N CYS A 58 -4.65 15.58 -20.34
CA CYS A 58 -3.70 14.50 -20.64
C CYS A 58 -4.40 13.35 -21.33
N ASP A 59 -3.60 12.50 -21.97
CA ASP A 59 -4.07 11.31 -22.66
C ASP A 59 -4.00 10.10 -21.76
N CYS A 60 -3.02 10.13 -20.84
CA CYS A 60 -2.80 9.06 -19.86
C CYS A 60 -2.65 9.73 -18.49
N LEU A 61 -3.38 9.20 -17.50
CA LEU A 61 -3.36 9.81 -16.18
C LEU A 61 -2.74 8.88 -15.14
N ILE A 62 -1.70 9.36 -14.46
CA ILE A 62 -1.10 8.64 -13.35
C ILE A 62 -1.45 9.47 -12.12
N SER A 63 -2.30 8.94 -11.26
CA SER A 63 -2.86 9.73 -10.17
C SER A 63 -3.13 8.82 -9.01
N PHE A 64 -2.86 9.30 -7.79
CA PHE A 64 -3.04 8.46 -6.61
C PHE A 64 -3.25 9.29 -5.36
N HIS A 65 -4.07 8.75 -4.47
CA HIS A 65 -4.45 9.41 -3.23
C HIS A 65 -3.33 9.25 -2.20
N SER A 66 -3.10 10.34 -1.47
CA SER A 66 -2.35 10.31 -0.21
C SER A 66 -3.00 11.35 0.68
N LYS A 67 -2.46 11.55 1.88
CA LYS A 67 -3.09 12.44 2.82
C LYS A 67 -3.36 13.81 2.21
N GLY A 68 -4.61 14.26 2.28
CA GLY A 68 -4.99 15.58 1.79
C GLY A 68 -5.39 15.63 0.33
N PHE A 69 -5.28 14.52 -0.38
CA PHE A 69 -5.59 14.48 -1.81
C PHE A 69 -7.10 14.39 -2.04
N PRO A 70 -7.64 15.28 -2.89
CA PRO A 70 -9.07 15.24 -3.20
C PRO A 70 -9.39 14.18 -4.26
N LEU A 71 -9.56 12.94 -3.80
CA LEU A 71 -9.81 11.84 -4.72
C LEU A 71 -11.10 12.02 -5.51
N ASP A 72 -12.11 12.65 -4.88
CA ASP A 72 -13.38 12.94 -5.56
C ASP A 72 -13.11 13.75 -6.85
N LYS A 73 -12.24 14.75 -6.73
CA LYS A 73 -11.86 15.60 -7.88
C LYS A 73 -11.09 14.81 -8.95
N ALA A 74 -10.14 13.98 -8.54
CA ALA A 74 -9.42 13.14 -9.50
C ALA A 74 -10.39 12.25 -10.29
N VAL A 75 -11.33 11.65 -9.56
CA VAL A 75 -12.37 10.82 -10.18
C VAL A 75 -13.18 11.64 -11.20
N ALA A 76 -13.62 12.83 -10.80
CA ALA A 76 -14.41 13.70 -11.68
C ALA A 76 -13.61 14.15 -12.91
N TYR A 77 -12.33 14.46 -12.70
CA TYR A 77 -11.45 14.79 -13.82
C TYR A 77 -11.37 13.63 -14.82
N ALA A 78 -11.16 12.42 -14.33
CA ALA A 78 -11.07 11.24 -15.20
C ALA A 78 -12.38 10.98 -15.96
N LYS A 79 -13.51 11.17 -15.30
CA LYS A 79 -14.82 11.02 -15.96
C LYS A 79 -14.99 12.08 -17.06
N LEU A 80 -14.58 13.31 -16.76
CA LEU A 80 -14.67 14.44 -17.68
C LEU A 80 -13.80 14.25 -18.93
N ARG A 81 -12.55 13.84 -18.72
CA ARG A 81 -11.57 13.79 -19.81
C ARG A 81 -11.35 12.41 -20.42
N ASN A 82 -11.80 11.36 -19.74
CA ASN A 82 -11.60 9.96 -20.16
C ASN A 82 -10.17 9.60 -20.62
N PRO A 83 -9.14 9.93 -19.78
CA PRO A 83 -7.80 9.49 -20.13
C PRO A 83 -7.63 8.00 -19.87
N PHE A 84 -6.56 7.43 -20.44
CA PHE A 84 -6.13 6.08 -20.11
C PHE A 84 -5.56 6.12 -18.70
N VAL A 85 -6.17 5.39 -17.77
CA VAL A 85 -5.82 5.52 -16.35
C VAL A 85 -4.91 4.36 -15.92
N ILE A 86 -3.73 4.69 -15.42
CA ILE A 86 -2.73 3.68 -15.05
C ILE A 86 -3.08 3.02 -13.70
N ASN A 87 -3.41 3.82 -12.70
CA ASN A 87 -3.87 3.32 -11.41
C ASN A 87 -5.32 3.76 -11.24
N ASP A 88 -6.23 2.78 -11.24
CA ASP A 88 -7.66 3.07 -11.16
C ASP A 88 -7.97 3.93 -9.94
N LEU A 89 -8.80 4.95 -10.12
CA LEU A 89 -9.07 5.89 -9.03
C LEU A 89 -10.15 5.44 -8.03
N ASN A 90 -11.25 4.88 -8.52
CA ASN A 90 -12.29 4.41 -7.61
C ASN A 90 -11.81 3.31 -6.64
N MET A 91 -10.89 2.47 -7.11
N MET A 91 -10.88 2.48 -7.11
CA MET A 91 -10.31 1.43 -6.25
CA MET A 91 -10.30 1.43 -6.27
C MET A 91 -9.53 2.03 -5.08
C MET A 91 -9.53 2.03 -5.09
N GLN A 92 -9.06 3.26 -5.25
CA GLN A 92 -8.32 3.95 -4.18
C GLN A 92 -9.14 4.36 -2.98
N TYR A 93 -10.46 4.46 -3.14
CA TYR A 93 -11.35 4.54 -1.96
C TYR A 93 -11.30 3.24 -1.17
N LEU A 94 -11.31 2.10 -1.86
CA LEU A 94 -11.33 0.77 -1.22
C LEU A 94 -10.01 0.45 -0.54
N ILE A 95 -8.91 0.85 -1.18
CA ILE A 95 -7.58 0.66 -0.62
C ILE A 95 -7.39 1.37 0.74
N GLN A 96 -8.21 2.38 1.01
CA GLN A 96 -8.16 3.10 2.27
C GLN A 96 -8.82 2.33 3.44
N ASP A 97 -9.52 1.26 3.11
CA ASP A 97 -10.27 0.50 4.10
C ASP A 97 -9.78 -0.94 4.15
N ARG A 98 -9.13 -1.30 5.26
CA ARG A 98 -8.53 -2.65 5.39
C ARG A 98 -9.55 -3.78 5.22
N ARG A 99 -10.79 -3.56 5.61
CA ARG A 99 -11.86 -4.55 5.37
C ARG A 99 -12.08 -4.82 3.87
N GLU A 100 -12.08 -3.75 3.08
CA GLU A 100 -12.27 -3.88 1.63
C GLU A 100 -11.06 -4.55 0.98
N VAL A 101 -9.86 -4.22 1.47
CA VAL A 101 -8.63 -4.83 0.94
C VAL A 101 -8.65 -6.34 1.16
N TYR A 102 -8.91 -6.75 2.40
CA TYR A 102 -8.93 -8.18 2.73
C TYR A 102 -10.05 -8.94 1.97
N SER A 103 -11.18 -8.26 1.77
CA SER A 103 -12.30 -8.83 1.00
C SER A 103 -11.89 -9.15 -0.44
N ILE A 104 -11.17 -8.22 -1.07
CA ILE A 104 -10.67 -8.43 -2.43
C ILE A 104 -9.64 -9.56 -2.49
N LEU A 105 -8.71 -9.57 -1.54
CA LEU A 105 -7.71 -10.64 -1.49
C LEU A 105 -8.36 -12.03 -1.36
N GLN A 106 -9.29 -12.16 -0.43
CA GLN A 106 -10.06 -13.39 -0.26
C GLN A 106 -10.72 -13.82 -1.58
N ALA A 107 -11.37 -12.88 -2.25
CA ALA A 107 -12.07 -13.18 -3.52
C ALA A 107 -11.11 -13.66 -4.62
N GLU A 108 -9.85 -13.25 -4.51
CA GLU A 108 -8.83 -13.64 -5.48
C GLU A 108 -8.08 -14.92 -5.13
N GLY A 109 -8.52 -15.61 -4.07
CA GLY A 109 -7.87 -16.83 -3.64
C GLY A 109 -6.45 -16.59 -3.13
N ILE A 110 -6.22 -15.40 -2.58
CA ILE A 110 -4.89 -15.03 -2.07
C ILE A 110 -4.79 -15.36 -0.58
N LEU A 111 -3.75 -16.10 -0.20
CA LEU A 111 -3.55 -16.45 1.20
C LEU A 111 -3.34 -15.19 2.03
N LEU A 112 -4.03 -15.15 3.16
CA LEU A 112 -3.89 -14.02 4.07
C LEU A 112 -4.10 -14.54 5.50
N PRO A 113 -3.69 -13.75 6.52
CA PRO A 113 -3.87 -14.24 7.88
C PRO A 113 -5.34 -14.45 8.18
N ARG A 114 -5.65 -15.50 8.94
CA ARG A 114 -7.00 -15.65 9.48
C ARG A 114 -7.37 -14.37 10.20
N TYR A 115 -8.54 -13.81 9.90
CA TYR A 115 -8.91 -12.53 10.46
C TYR A 115 -10.41 -12.41 10.74
N ALA A 116 -10.76 -11.47 11.61
CA ALA A 116 -12.15 -11.14 11.91
C ALA A 116 -12.27 -9.63 12.11
N ILE A 117 -13.37 -9.07 11.60
CA ILE A 117 -13.62 -7.64 11.66
C ILE A 117 -14.48 -7.33 12.89
N LEU A 118 -13.99 -6.43 13.74
CA LEU A 118 -14.80 -5.90 14.85
C LEU A 118 -15.31 -4.49 14.52
N ASN A 119 -16.57 -4.40 14.12
CA ASN A 119 -17.16 -3.11 13.83
C ASN A 119 -17.83 -2.60 15.08
N ARG A 120 -17.35 -1.48 15.58
CA ARG A 120 -17.84 -0.92 16.83
C ARG A 120 -18.64 0.36 16.59
N ASP A 121 -19.84 0.41 17.16
CA ASP A 121 -20.71 1.59 17.06
C ASP A 121 -20.19 2.64 18.06
N PRO A 122 -19.74 3.82 17.55
CA PRO A 122 -19.11 4.77 18.46
C PRO A 122 -20.08 5.33 19.53
N ASN A 123 -21.38 5.20 19.31
CA ASN A 123 -22.37 5.62 20.31
C ASN A 123 -22.79 4.48 21.25
N ASN A 124 -22.44 3.26 20.88
CA ASN A 124 -22.72 2.07 21.70
C ASN A 124 -21.52 1.12 21.69
N PRO A 125 -20.35 1.56 22.20
CA PRO A 125 -19.07 0.87 21.98
C PRO A 125 -18.94 -0.50 22.66
N LYS A 126 -19.69 -0.72 23.74
CA LYS A 126 -19.63 -1.97 24.51
C LYS A 126 -20.55 -3.05 23.94
N GLU A 127 -21.33 -2.69 22.92
CA GLU A 127 -22.35 -3.56 22.34
C GLU A 127 -21.83 -4.40 21.17
N CYS A 128 -20.60 -4.14 20.73
CA CYS A 128 -20.00 -4.90 19.64
C CYS A 128 -19.66 -6.35 20.06
N ASN A 129 -19.40 -7.20 19.07
CA ASN A 129 -19.16 -8.64 19.27
C ASN A 129 -17.76 -8.98 19.77
N LEU A 130 -17.37 -8.44 20.92
CA LEU A 130 -16.04 -8.71 21.48
C LEU A 130 -16.13 -9.30 22.89
N ILE A 131 -15.45 -10.43 23.10
CA ILE A 131 -15.20 -10.98 24.42
C ILE A 131 -13.68 -11.06 24.61
N GLU A 132 -13.19 -10.65 25.76
CA GLU A 132 -11.76 -10.63 26.00
C GLU A 132 -11.33 -11.51 27.18
N GLY A 133 -10.37 -12.39 26.92
CA GLY A 133 -9.68 -13.10 27.99
C GLY A 133 -8.31 -12.48 28.20
N GLU A 134 -7.61 -12.94 29.24
CA GLU A 134 -6.26 -12.45 29.54
C GLU A 134 -5.25 -12.86 28.44
N ASP A 135 -5.56 -13.94 27.70
CA ASP A 135 -4.65 -14.46 26.67
C ASP A 135 -5.32 -14.70 25.30
N HIS A 136 -6.53 -14.17 25.12
CA HIS A 136 -7.23 -14.26 23.84
C HIS A 136 -8.33 -13.24 23.72
N VAL A 137 -8.79 -13.03 22.48
CA VAL A 137 -10.04 -12.34 22.23
C VAL A 137 -10.95 -13.24 21.40
N GLU A 138 -12.23 -12.91 21.42
N GLU A 138 -12.24 -12.95 21.46
CA GLU A 138 -13.23 -13.61 20.63
CA GLU A 138 -13.23 -13.62 20.61
C GLU A 138 -14.01 -12.55 19.88
C GLU A 138 -13.96 -12.52 19.88
N VAL A 139 -13.87 -12.55 18.55
CA VAL A 139 -14.45 -11.50 17.72
C VAL A 139 -15.48 -12.16 16.81
N ASN A 140 -16.74 -11.75 16.96
CA ASN A 140 -17.86 -12.38 16.24
C ASN A 140 -17.88 -13.89 16.50
N GLY A 141 -17.36 -14.28 17.66
CA GLY A 141 -17.34 -15.67 18.06
C GLY A 141 -16.05 -16.39 17.72
N GLU A 142 -15.20 -15.77 16.92
CA GLU A 142 -13.95 -16.40 16.51
C GLU A 142 -12.82 -16.10 17.49
N VAL A 143 -12.14 -17.16 17.91
CA VAL A 143 -11.10 -17.08 18.93
C VAL A 143 -9.76 -16.77 18.27
N PHE A 144 -9.08 -15.77 18.80
CA PHE A 144 -7.70 -15.49 18.47
C PHE A 144 -6.90 -15.54 19.75
N GLN A 145 -6.11 -16.61 19.88
CA GLN A 145 -5.15 -16.74 20.98
C GLN A 145 -3.99 -15.79 20.70
N LYS A 146 -3.44 -15.21 21.75
CA LYS A 146 -2.24 -14.38 21.63
C LYS A 146 -1.06 -15.29 21.30
N PRO A 147 -0.13 -14.83 20.41
CA PRO A 147 -0.09 -13.48 19.85
C PRO A 147 -1.10 -13.26 18.71
N PHE A 148 -1.71 -12.08 18.69
CA PHE A 148 -2.56 -11.66 17.58
C PHE A 148 -2.34 -10.17 17.27
N VAL A 149 -2.84 -9.75 16.11
CA VAL A 149 -2.60 -8.41 15.58
C VAL A 149 -3.92 -7.64 15.49
N GLU A 150 -3.86 -6.36 15.86
CA GLU A 150 -5.02 -5.48 15.89
C GLU A 150 -4.75 -4.27 15.00
N LYS A 151 -5.48 -4.18 13.89
CA LYS A 151 -5.28 -3.12 12.91
C LYS A 151 -6.53 -2.23 12.84
N PRO A 152 -6.34 -0.90 12.91
CA PRO A 152 -7.44 0.02 12.65
C PRO A 152 -8.04 -0.24 11.28
N VAL A 153 -9.36 -0.18 11.17
CA VAL A 153 -10.00 -0.46 9.88
C VAL A 153 -9.54 0.53 8.79
N SER A 154 -9.11 1.71 9.18
CA SER A 154 -8.56 2.66 8.21
C SER A 154 -7.12 2.27 7.88
N ALA A 155 -6.89 1.97 6.61
CA ALA A 155 -5.56 1.57 6.15
C ALA A 155 -4.55 2.71 6.28
N GLU A 156 -5.06 3.93 6.46
CA GLU A 156 -4.19 5.09 6.63
C GLU A 156 -3.74 5.30 8.07
N ASP A 157 -4.38 4.58 9.00
CA ASP A 157 -4.03 4.64 10.42
C ASP A 157 -3.01 3.53 10.70
N HIS A 158 -1.77 3.91 10.99
CA HIS A 158 -0.66 2.94 11.09
C HIS A 158 -0.40 2.46 12.52
N ASN A 159 -1.34 2.75 13.40
CA ASN A 159 -1.26 2.36 14.81
C ASN A 159 -1.76 0.92 14.98
N VAL A 160 -0.95 0.00 14.47
CA VAL A 160 -1.20 -1.42 14.51
C VAL A 160 -0.58 -1.97 15.79
N TYR A 161 -1.36 -2.72 16.57
CA TYR A 161 -0.86 -3.31 17.81
C TYR A 161 -0.74 -4.81 17.73
N ILE A 162 0.31 -5.33 18.36
CA ILE A 162 0.51 -6.75 18.52
C ILE A 162 0.41 -7.07 20.02
N TYR A 163 -0.36 -8.09 20.36
CA TYR A 163 -0.54 -8.48 21.77
C TYR A 163 0.17 -9.79 22.09
N TYR A 164 1.05 -9.76 23.08
CA TYR A 164 1.91 -10.90 23.42
C TYR A 164 1.21 -11.83 24.40
N PRO A 165 1.43 -13.14 24.25
CA PRO A 165 0.82 -14.06 25.20
C PRO A 165 1.45 -13.93 26.60
N THR A 166 0.69 -14.33 27.62
CA THR A 166 1.20 -14.41 28.99
C THR A 166 2.54 -15.14 29.07
N SER A 167 2.68 -16.22 28.31
CA SER A 167 3.91 -17.03 28.30
C SER A 167 5.16 -16.24 27.86
N ALA A 168 4.92 -15.10 27.21
CA ALA A 168 6.02 -14.25 26.75
C ALA A 168 6.12 -12.96 27.57
N GLY A 169 5.32 -12.85 28.62
CA GLY A 169 5.37 -11.67 29.47
C GLY A 169 4.22 -10.69 29.28
N GLY A 170 3.34 -10.99 28.32
CA GLY A 170 2.18 -10.13 28.08
C GLY A 170 2.58 -8.77 27.52
N GLY A 171 1.68 -7.80 27.68
CA GLY A 171 1.86 -6.49 27.12
C GLY A 171 1.63 -6.50 25.62
N SER A 172 2.13 -5.46 24.95
CA SER A 172 1.83 -5.29 23.54
C SER A 172 2.94 -4.52 22.84
N GLN A 173 2.99 -4.64 21.52
CA GLN A 173 3.88 -3.81 20.72
C GLN A 173 3.01 -2.83 19.93
N ARG A 174 3.28 -1.53 20.11
CA ARG A 174 2.50 -0.50 19.40
C ARG A 174 3.33 0.03 18.25
N LEU A 175 2.86 -0.27 17.03
CA LEU A 175 3.56 0.16 15.80
C LEU A 175 3.03 1.52 15.39
N PHE A 176 3.82 2.25 14.61
CA PHE A 176 3.41 3.57 14.14
C PHE A 176 4.24 3.96 12.94
N ARG A 177 3.78 4.97 12.20
CA ARG A 177 4.58 5.51 11.11
C ARG A 177 5.95 5.89 11.66
N LYS A 178 6.99 5.36 11.04
CA LYS A 178 8.37 5.49 11.50
C LYS A 178 8.72 6.91 11.95
N ILE A 179 9.03 7.07 13.24
CA ILE A 179 9.51 8.34 13.80
C ILE A 179 11.03 8.20 13.98
N GLY A 180 11.78 8.65 12.97
CA GLY A 180 13.25 8.63 13.00
C GLY A 180 13.87 7.27 13.26
N SER A 181 14.25 7.03 14.50
CA SER A 181 14.93 5.78 14.82
C SER A 181 14.00 4.62 15.18
N ARG A 182 12.70 4.87 15.29
N ARG A 182 12.69 4.86 15.21
CA ARG A 182 11.76 3.86 15.78
CA ARG A 182 11.75 3.91 15.80
C ARG A 182 10.51 3.66 14.93
C ARG A 182 10.47 3.68 14.99
N SER A 183 10.06 2.41 14.90
CA SER A 183 8.84 2.02 14.19
C SER A 183 7.81 1.34 15.12
N SER A 184 8.23 1.01 16.35
CA SER A 184 7.30 0.51 17.37
C SER A 184 7.86 0.67 18.77
N VAL A 185 6.99 0.51 19.77
N VAL A 185 7.01 0.48 19.77
CA VAL A 185 7.42 0.53 21.16
CA VAL A 185 7.37 0.59 21.19
C VAL A 185 6.61 -0.50 21.94
C VAL A 185 6.57 -0.42 22.01
N TYR A 186 7.24 -1.10 22.94
CA TYR A 186 6.58 -2.02 23.85
C TYR A 186 5.71 -1.23 24.81
N SER A 187 4.53 -1.76 25.09
CA SER A 187 3.70 -1.21 26.14
C SER A 187 3.34 -2.33 27.10
N PRO A 188 3.29 -2.00 28.41
CA PRO A 188 2.81 -3.01 29.36
C PRO A 188 1.33 -3.35 29.21
N GLU A 189 0.57 -2.55 28.47
CA GLU A 189 -0.88 -2.78 28.32
C GLU A 189 -1.14 -4.11 27.62
N SER A 190 -1.99 -4.94 28.24
CA SER A 190 -2.27 -6.28 27.71
C SER A 190 -3.68 -6.37 27.11
N ASN A 191 -4.56 -5.43 27.46
CA ASN A 191 -5.92 -5.46 26.96
C ASN A 191 -6.08 -4.63 25.70
N VAL A 192 -6.99 -5.07 24.84
CA VAL A 192 -7.14 -4.45 23.52
C VAL A 192 -7.79 -3.06 23.61
N ARG A 193 -7.64 -2.26 22.56
CA ARG A 193 -8.29 -0.97 22.50
C ARG A 193 -9.81 -1.08 22.60
N LYS A 194 -10.44 -0.12 23.28
CA LYS A 194 -11.88 -0.23 23.51
C LYS A 194 -12.74 0.79 22.74
N THR A 195 -12.08 1.64 21.94
CA THR A 195 -12.80 2.52 21.02
C THR A 195 -12.19 2.39 19.63
N GLY A 196 -13.02 2.55 18.60
CA GLY A 196 -12.63 2.32 17.21
C GLY A 196 -13.05 0.95 16.69
N SER A 197 -13.01 0.78 15.38
CA SER A 197 -13.24 -0.51 14.74
C SER A 197 -11.91 -1.08 14.27
N TYR A 198 -11.77 -2.40 14.39
CA TYR A 198 -10.50 -3.07 14.13
C TYR A 198 -10.66 -4.37 13.38
N ILE A 199 -9.58 -4.74 12.69
CA ILE A 199 -9.40 -6.08 12.21
C ILE A 199 -8.44 -6.77 13.18
N TYR A 200 -8.86 -7.94 13.64
CA TYR A 200 -8.02 -8.82 14.45
C TYR A 200 -7.54 -9.94 13.55
N GLU A 201 -6.25 -10.23 13.60
CA GLU A 201 -5.69 -11.31 12.80
C GLU A 201 -4.68 -12.17 13.54
N GLU A 202 -4.60 -13.41 13.11
CA GLU A 202 -3.60 -14.33 13.62
C GLU A 202 -2.20 -13.80 13.29
N PHE A 203 -1.31 -13.94 14.26
CA PHE A 203 0.08 -13.53 14.07
C PHE A 203 0.83 -14.58 13.27
N MET A 204 1.39 -14.18 12.13
CA MET A 204 2.14 -15.09 11.28
C MET A 204 3.61 -15.06 11.65
N PRO A 205 4.19 -16.20 12.06
CA PRO A 205 5.59 -16.27 12.44
C PRO A 205 6.51 -16.19 11.21
N THR A 206 7.38 -15.20 11.17
CA THR A 206 8.31 -15.03 10.05
C THR A 206 9.71 -15.11 10.62
N ASP A 207 10.72 -14.93 9.78
CA ASP A 207 12.09 -14.84 10.28
C ASP A 207 12.39 -13.47 10.91
N GLY A 208 11.35 -12.66 11.10
CA GLY A 208 11.51 -11.32 11.67
C GLY A 208 11.65 -10.23 10.60
N THR A 209 11.45 -10.60 9.33
CA THR A 209 11.42 -9.59 8.27
C THR A 209 10.09 -9.62 7.50
N ASP A 210 9.80 -8.49 6.85
CA ASP A 210 8.64 -8.34 5.94
C ASP A 210 9.18 -8.33 4.51
N VAL A 211 8.45 -8.95 3.58
CA VAL A 211 8.80 -8.82 2.17
C VAL A 211 7.94 -7.73 1.55
N LYS A 212 8.60 -6.68 1.06
CA LYS A 212 7.92 -5.54 0.42
C LYS A 212 7.98 -5.74 -1.06
N VAL A 213 6.81 -5.74 -1.70
CA VAL A 213 6.71 -6.01 -3.13
C VAL A 213 6.17 -4.78 -3.84
N TYR A 214 6.76 -4.46 -4.99
CA TYR A 214 6.43 -3.24 -5.74
C TYR A 214 6.23 -3.64 -7.19
N THR A 215 4.97 -3.56 -7.66
CA THR A 215 4.65 -3.97 -9.02
C THR A 215 4.74 -2.80 -10.00
N VAL A 216 5.06 -3.12 -11.25
CA VAL A 216 4.88 -2.16 -12.34
C VAL A 216 4.21 -2.97 -13.45
N GLY A 217 2.88 -2.97 -13.40
CA GLY A 217 2.11 -3.91 -14.19
C GLY A 217 2.20 -5.30 -13.58
N PRO A 218 1.40 -6.24 -14.08
CA PRO A 218 1.24 -7.52 -13.39
C PRO A 218 2.41 -8.49 -13.59
N ASP A 219 3.30 -8.17 -14.54
CA ASP A 219 4.41 -9.03 -14.90
C ASP A 219 5.79 -8.51 -14.47
N TYR A 220 5.79 -7.49 -13.63
CA TYR A 220 7.04 -7.01 -13.06
C TYR A 220 6.83 -6.68 -11.60
N ALA A 221 7.67 -7.24 -10.74
CA ALA A 221 7.58 -6.93 -9.32
C ALA A 221 8.97 -6.96 -8.75
N HIS A 222 9.37 -5.84 -8.15
CA HIS A 222 10.58 -5.81 -7.37
C HIS A 222 10.23 -6.12 -5.93
N ALA A 223 11.03 -6.95 -5.26
CA ALA A 223 10.81 -7.23 -3.85
C ALA A 223 12.10 -7.00 -3.07
N GLU A 224 11.93 -6.63 -1.80
CA GLU A 224 13.07 -6.48 -0.88
C GLU A 224 12.52 -6.71 0.50
N ALA A 225 13.40 -6.98 1.47
CA ALA A 225 12.95 -7.26 2.83
C ALA A 225 13.45 -6.21 3.82
N ARG A 226 12.67 -5.98 4.87
CA ARG A 226 13.09 -5.08 5.96
C ARG A 226 12.74 -5.73 7.28
N LYS A 227 13.46 -5.31 8.32
CA LYS A 227 13.18 -5.80 9.67
C LYS A 227 11.72 -5.50 10.00
N SER A 228 11.03 -6.47 10.56
CA SER A 228 9.64 -6.22 10.97
C SER A 228 9.60 -5.22 12.13
N PRO A 229 8.72 -4.21 12.03
CA PRO A 229 8.47 -3.33 13.19
C PRO A 229 7.80 -4.08 14.35
N ALA A 230 7.29 -5.27 14.07
CA ALA A 230 6.67 -6.13 15.09
C ALA A 230 7.70 -6.69 16.07
N LEU A 231 8.99 -6.60 15.72
CA LEU A 231 10.07 -6.97 16.65
C LEU A 231 10.29 -5.72 17.49
N ASP A 232 11.46 -5.60 18.14
CA ASP A 232 11.69 -4.48 19.05
C ASP A 232 11.36 -3.02 18.68
N GLY A 233 11.41 -2.70 17.39
CA GLY A 233 11.00 -1.38 16.93
C GLY A 233 12.13 -0.42 16.64
N LYS A 234 13.38 -0.84 16.88
CA LYS A 234 14.53 -0.01 16.50
C LYS A 234 14.82 -0.15 15.00
N VAL A 235 14.77 0.96 14.28
CA VAL A 235 15.05 0.96 12.84
C VAL A 235 16.53 0.70 12.58
N GLU A 236 16.84 -0.27 11.73
CA GLU A 236 18.22 -0.56 11.31
C GLU A 236 18.62 0.41 10.22
N ARG A 237 19.69 1.16 10.45
CA ARG A 237 20.16 2.13 9.46
C ARG A 237 21.62 1.87 9.09
N ASP A 238 21.95 2.11 7.81
CA ASP A 238 23.33 1.95 7.35
C ASP A 238 24.13 3.25 7.52
N SER A 239 25.41 3.23 7.13
CA SER A 239 26.32 4.36 7.31
C SER A 239 25.86 5.66 6.65
N GLU A 240 25.16 5.52 5.52
CA GLU A 240 24.58 6.69 4.84
C GLU A 240 23.32 7.22 5.52
N GLY A 241 22.76 6.42 6.44
CA GLY A 241 21.58 6.83 7.20
C GLY A 241 20.24 6.33 6.67
N LYS A 242 20.27 5.48 5.64
CA LYS A 242 19.02 4.92 5.09
C LYS A 242 18.72 3.57 5.72
N GLU A 243 17.43 3.23 5.79
CA GLU A 243 17.02 1.97 6.43
C GLU A 243 17.61 0.78 5.68
N VAL A 244 18.09 -0.20 6.43
CA VAL A 244 18.64 -1.43 5.86
C VAL A 244 17.56 -2.24 5.14
N ARG A 245 17.87 -2.67 3.92
CA ARG A 245 17.00 -3.51 3.11
C ARG A 245 17.76 -4.80 2.77
N TYR A 246 17.03 -5.92 2.63
CA TYR A 246 17.66 -7.22 2.35
C TYR A 246 17.16 -7.71 0.99
N PRO A 247 18.05 -8.36 0.21
CA PRO A 247 17.63 -8.80 -1.12
C PRO A 247 16.57 -9.90 -1.05
N VAL A 248 15.65 -9.85 -2.00
CA VAL A 248 14.60 -10.87 -2.11
C VAL A 248 14.42 -11.19 -3.59
N ILE A 249 14.19 -12.47 -3.87
CA ILE A 249 13.71 -12.91 -5.18
C ILE A 249 12.42 -13.65 -4.90
N LEU A 250 11.35 -13.18 -5.52
CA LEU A 250 10.05 -13.80 -5.36
C LEU A 250 10.02 -15.18 -6.04
N ASN A 251 9.44 -16.16 -5.34
CA ASN A 251 9.22 -17.48 -5.93
C ASN A 251 8.02 -17.48 -6.88
N ALA A 252 7.77 -18.61 -7.56
CA ALA A 252 6.65 -18.64 -8.53
C ALA A 252 5.31 -18.29 -7.91
N ARG A 253 5.03 -18.81 -6.72
CA ARG A 253 3.76 -18.50 -6.04
C ARG A 253 3.61 -17.00 -5.79
N GLU A 254 4.70 -16.36 -5.38
CA GLU A 254 4.67 -14.94 -5.02
C GLU A 254 4.56 -14.04 -6.26
N LYS A 255 5.17 -14.46 -7.36
CA LYS A 255 5.01 -13.72 -8.62
C LYS A 255 3.57 -13.78 -9.06
N LEU A 256 2.90 -14.92 -8.80
CA LEU A 256 1.48 -15.00 -9.11
C LEU A 256 0.68 -14.09 -8.18
N ILE A 257 1.05 -14.06 -6.91
CA ILE A 257 0.36 -13.14 -5.97
C ILE A 257 0.47 -11.71 -6.48
N ALA A 258 1.68 -11.33 -6.91
CA ALA A 258 1.90 -9.95 -7.42
C ALA A 258 1.00 -9.66 -8.62
N TRP A 259 0.88 -10.65 -9.51
CA TRP A 259 0.08 -10.54 -10.72
C TRP A 259 -1.39 -10.30 -10.31
N LYS A 260 -1.89 -11.12 -9.39
CA LYS A 260 -3.27 -10.99 -8.89
C LYS A 260 -3.54 -9.65 -8.21
N VAL A 261 -2.64 -9.24 -7.31
CA VAL A 261 -2.82 -7.99 -6.56
C VAL A 261 -2.92 -6.80 -7.51
N CYS A 262 -1.94 -6.69 -8.40
CA CYS A 262 -1.89 -5.62 -9.38
C CYS A 262 -3.22 -5.52 -10.18
N LEU A 263 -3.69 -6.67 -10.68
CA LEU A 263 -4.89 -6.69 -11.51
C LEU A 263 -6.18 -6.50 -10.69
N ALA A 264 -6.26 -7.17 -9.55
CA ALA A 264 -7.45 -7.14 -8.70
C ALA A 264 -7.75 -5.73 -8.20
N PHE A 265 -6.69 -5.01 -7.81
CA PHE A 265 -6.87 -3.66 -7.33
C PHE A 265 -6.77 -2.64 -8.44
N LYS A 266 -6.47 -3.11 -9.65
CA LYS A 266 -6.35 -2.26 -10.85
C LYS A 266 -5.32 -1.15 -10.65
N GLN A 267 -4.26 -1.47 -9.92
CA GLN A 267 -3.17 -0.52 -9.66
C GLN A 267 -1.94 -1.01 -10.40
N THR A 268 -1.66 -0.44 -11.57
CA THR A 268 -0.42 -0.79 -12.28
C THR A 268 0.81 -0.71 -11.37
N VAL A 269 0.96 0.43 -10.70
CA VAL A 269 2.05 0.60 -9.76
C VAL A 269 1.45 0.31 -8.38
N CYS A 270 1.90 -0.76 -7.72
CA CYS A 270 1.24 -1.20 -6.48
C CYS A 270 2.20 -1.79 -5.48
N GLY A 271 2.21 -1.23 -4.27
CA GLY A 271 2.97 -1.79 -3.17
C GLY A 271 2.10 -2.71 -2.33
N PHE A 272 2.67 -3.85 -1.92
CA PHE A 272 2.04 -4.71 -0.91
C PHE A 272 3.08 -5.48 -0.12
N ASP A 273 2.67 -5.99 1.04
CA ASP A 273 3.57 -6.68 1.95
C ASP A 273 3.24 -8.16 2.02
N LEU A 274 4.27 -9.00 2.05
CA LEU A 274 4.16 -10.45 2.24
C LEU A 274 4.83 -10.90 3.52
N LEU A 275 4.19 -11.85 4.19
CA LEU A 275 4.75 -12.51 5.33
C LEU A 275 5.08 -13.92 4.92
N ARG A 276 6.37 -14.25 4.93
CA ARG A 276 6.81 -15.60 4.58
C ARG A 276 6.77 -16.40 5.86
N ALA A 277 5.74 -17.24 5.97
CA ALA A 277 5.44 -17.97 7.20
C ALA A 277 4.94 -19.37 6.88
N ASN A 278 5.44 -20.36 7.62
CA ASN A 278 4.93 -21.73 7.54
C ASN A 278 4.98 -22.29 6.11
N GLY A 279 6.02 -21.94 5.35
CA GLY A 279 6.20 -22.44 3.99
C GLY A 279 5.30 -21.83 2.92
N GLN A 280 4.55 -20.80 3.30
CA GLN A 280 3.72 -20.06 2.35
C GLN A 280 4.01 -18.56 2.48
N SER A 281 3.35 -17.76 1.64
CA SER A 281 3.49 -16.30 1.71
C SER A 281 2.12 -15.67 1.80
N TYR A 282 1.94 -14.84 2.83
CA TYR A 282 0.64 -14.26 3.15
C TYR A 282 0.66 -12.77 2.92
N VAL A 283 -0.35 -12.23 2.23
CA VAL A 283 -0.46 -10.77 2.05
C VAL A 283 -1.08 -10.18 3.31
N CYS A 284 -0.45 -9.17 3.91
CA CYS A 284 -1.04 -8.58 5.12
C CYS A 284 -1.42 -7.11 4.94
N ASP A 285 -1.15 -6.56 3.75
CA ASP A 285 -1.27 -5.12 3.52
C ASP A 285 -1.24 -4.94 2.02
N VAL A 286 -2.05 -4.01 1.51
CA VAL A 286 -1.94 -3.56 0.13
C VAL A 286 -1.96 -2.03 0.17
N ASN A 287 -0.89 -1.39 -0.30
CA ASN A 287 -0.72 0.05 -0.16
C ASN A 287 -1.09 0.88 -1.39
N GLY A 288 -1.26 0.23 -2.54
CA GLY A 288 -1.49 0.96 -3.78
C GLY A 288 -0.20 1.61 -4.24
N PHE A 289 -0.33 2.75 -4.91
CA PHE A 289 0.80 3.40 -5.60
C PHE A 289 2.03 3.57 -4.70
N SER A 290 3.13 2.97 -5.11
N SER A 290 3.12 2.91 -5.10
CA SER A 290 4.36 3.03 -4.34
CA SER A 290 4.37 2.89 -4.34
C SER A 290 5.55 2.70 -5.24
C SER A 290 5.54 2.71 -5.29
N PHE A 291 6.57 3.55 -5.13
CA PHE A 291 7.83 3.38 -5.86
C PHE A 291 8.90 2.84 -4.92
N VAL A 292 9.81 2.05 -5.45
CA VAL A 292 11.04 1.66 -4.75
C VAL A 292 11.97 2.88 -4.71
N LYS A 293 12.69 3.04 -3.61
CA LYS A 293 13.70 4.11 -3.49
C LYS A 293 15.13 3.55 -3.56
N ASN A 294 16.05 4.36 -4.06
CA ASN A 294 17.50 4.06 -4.07
C ASN A 294 17.94 2.89 -4.94
N SER A 295 17.11 2.53 -5.93
CA SER A 295 17.48 1.53 -6.90
C SER A 295 17.46 2.13 -8.29
N MET A 296 18.65 2.36 -8.85
CA MET A 296 18.73 2.87 -10.20
C MET A 296 18.06 1.91 -11.19
N LYS A 297 18.23 0.61 -11.00
CA LYS A 297 17.68 -0.39 -11.90
C LYS A 297 16.14 -0.34 -11.86
N TYR A 298 15.58 -0.19 -10.66
CA TYR A 298 14.12 -0.01 -10.55
C TYR A 298 13.65 1.24 -11.30
N TYR A 299 14.31 2.37 -11.08
CA TYR A 299 13.94 3.60 -11.81
C TYR A 299 13.93 3.36 -13.32
N ASP A 300 15.00 2.75 -13.83
CA ASP A 300 15.11 2.39 -15.23
C ASP A 300 13.95 1.54 -15.71
N ASP A 301 13.74 0.42 -15.00
CA ASP A 301 12.75 -0.58 -15.35
C ASP A 301 11.35 0.00 -15.26
N CYS A 302 11.05 0.67 -14.15
CA CYS A 302 9.72 1.23 -13.96
C CYS A 302 9.35 2.21 -15.05
N ALA A 303 10.27 3.13 -15.38
CA ALA A 303 9.98 4.15 -16.39
C ALA A 303 9.75 3.52 -17.78
N LYS A 304 10.61 2.55 -18.10
CA LYS A 304 10.55 1.82 -19.38
C LYS A 304 9.22 1.09 -19.50
N ILE A 305 8.82 0.41 -18.43
CA ILE A 305 7.54 -0.30 -18.42
C ILE A 305 6.34 0.65 -18.59
N LEU A 306 6.32 1.72 -17.78
CA LEU A 306 5.22 2.69 -17.87
C LEU A 306 5.15 3.34 -19.24
N GLY A 307 6.29 3.80 -19.76
CA GLY A 307 6.35 4.32 -21.13
C GLY A 307 5.87 3.33 -22.19
N ASN A 308 6.30 2.08 -22.07
CA ASN A 308 5.84 1.04 -23.02
C ASN A 308 4.32 0.80 -22.92
N ILE A 309 3.80 0.83 -21.69
CA ILE A 309 2.36 0.69 -21.49
C ILE A 309 1.60 1.81 -22.19
N VAL A 310 2.09 3.04 -22.01
CA VAL A 310 1.51 4.22 -22.63
C VAL A 310 1.53 4.09 -24.17
N MET A 311 2.71 3.78 -24.70
CA MET A 311 2.89 3.63 -26.14
C MET A 311 2.04 2.51 -26.72
N ARG A 312 2.02 1.36 -26.06
CA ARG A 312 1.20 0.23 -26.54
C ARG A 312 -0.27 0.64 -26.64
N GLU A 313 -0.78 1.29 -25.61
CA GLU A 313 -2.19 1.66 -25.57
C GLU A 313 -2.57 2.76 -26.55
N LEU A 314 -1.71 3.77 -26.70
CA LEU A 314 -2.12 5.02 -27.35
C LEU A 314 -1.49 5.31 -28.70
N ALA A 315 -0.39 4.63 -29.04
CA ALA A 315 0.25 4.85 -30.34
C ALA A 315 -0.70 4.68 -31.54
N PRO A 316 -1.56 3.64 -31.54
CA PRO A 316 -2.51 3.51 -32.66
C PRO A 316 -3.35 4.75 -32.93
N GLN A 317 -4.02 5.29 -31.92
CA GLN A 317 -4.89 6.46 -32.15
C GLN A 317 -4.09 7.71 -32.48
N PHE A 318 -2.82 7.74 -32.10
CA PHE A 318 -1.94 8.85 -32.46
C PHE A 318 -1.22 8.61 -33.79
N HIS A 319 -1.45 7.45 -34.40
CA HIS A 319 -0.76 7.04 -35.63
C HIS A 319 0.77 7.08 -35.49
N ILE A 320 1.25 6.62 -34.33
CA ILE A 320 2.69 6.52 -34.09
C ILE A 320 3.08 5.07 -34.29
N PRO A 321 4.13 4.82 -35.11
CA PRO A 321 4.62 3.44 -35.28
C PRO A 321 5.03 2.84 -33.95
N TRP A 322 4.51 1.67 -33.64
CA TRP A 322 4.91 0.93 -32.45
C TRP A 322 4.72 -0.56 -32.60
N SER A 323 5.79 -1.29 -32.36
CA SER A 323 5.83 -2.74 -32.35
C SER A 323 5.93 -3.25 -30.93
PG ANP B . 2.37 0.32 5.87
O1G ANP B . 3.13 -0.81 5.03
O2G ANP B . 3.30 1.47 6.14
O3G ANP B . 1.07 0.81 5.07
PB ANP B . 0.36 -0.64 7.76
O1B ANP B . -0.04 0.31 8.83
O2B ANP B . -0.56 -0.77 6.60
N3B ANP B . 1.92 -0.39 7.32
PA ANP B . 0.62 -3.59 8.09
O1A ANP B . -0.63 -4.33 7.86
O2A ANP B . 1.63 -3.52 7.04
O3A ANP B . 0.32 -2.05 8.58
O5' ANP B . 1.31 -4.08 9.43
C5' ANP B . 2.60 -3.54 9.85
C4' ANP B . 3.63 -4.62 10.18
O4' ANP B . 3.08 -5.47 11.21
C3' ANP B . 3.79 -5.55 8.97
O3' ANP B . 4.77 -5.02 8.08
C2' ANP B . 4.28 -6.82 9.66
O2' ANP B . 5.66 -6.70 10.04
C1' ANP B . 3.45 -6.81 10.95
N9 ANP B . 2.23 -7.62 10.72
C8 ANP B . 1.00 -7.11 10.13
N7 ANP B . 0.09 -8.23 10.28
C5 ANP B . 0.79 -9.28 10.74
C6 ANP B . 0.41 -10.59 10.97
N6 ANP B . -0.85 -10.98 10.73
N1 ANP B . 1.33 -11.45 11.46
C2 ANP B . 2.57 -11.05 11.72
N3 ANP B . 2.97 -9.80 11.50
C4 ANP B . 2.08 -8.90 11.02
MG MG C . -0.40 -0.36 4.64
MG MG D . 2.59 -2.62 5.51
MG MG E . 9.57 12.88 -24.42
#